data_8KCZ
#
_entry.id   8KCZ
#
_cell.length_a   118.890
_cell.length_b   118.890
_cell.length_c   118.610
_cell.angle_alpha   90.00
_cell.angle_beta   90.00
_cell.angle_gamma   120.00
#
_symmetry.space_group_name_H-M   'P 31 1 2'
#
loop_
_entity.id
_entity.type
_entity.pdbx_description
1 polymer '3-ketosteroid dehydrogenase'
2 non-polymer 'FLAVIN-ADENINE DINUCLEOTIDE'
3 non-polymer ANDROSTA-1,4-DIENE-3,17-DIONE
4 water water
#
_entity_poly.entity_id   1
_entity_poly.type   'polypeptide(L)'
_entity_poly.pdbx_seq_one_letter_code
;HHHHSQLENLYFQGSDWTSECDVLVVGSGGGALTGAYTAAAQGLTTIVLEKTDRFGGTSAYSGASIWLPGTQVQERAGLP
DSTENARTYLRALLGDAESERQDAYVETAPAVVALLEQNPNIEFEFRAFPDYYKAEGRMDTGRSINPLDLDPADIGDLAG
KVRPELDQDRTGQDHAPGPMIGGRALIGRLLAAVQSTGKAELRTESVLTSLIVEDGRVVGAEVESGGETQRIKANRGVLM
AAGGIEGNAEMREQAGTPGKAIWSMGPFGANTGDAISAGIAVGGATALLDQAWFCPGVEQPDGSAAFMVGVRGGLVVDSA
GERYLNESLPYDQFGRAMDAHDDNGSAVPSFMIFDSREGGGLPAICIPNTAPAKHLEAGTWVGADTLEELAAKTGLPADA
LRSTVEKFNDAAKLGVDEEFHRGEDPYDAFFCPPNGGANAALTAIENGPFYAARIVLSDLGTKGGLVTDVNGRVLRADGS
AIDGLYAAGNTSASLSGRFYPGPGVPLGTAMVFSYRAAQDMAK
;
_entity_poly.pdbx_strand_id   A
#
loop_
_chem_comp.id
_chem_comp.type
_chem_comp.name
_chem_comp.formula
ANB non-polymer ANDROSTA-1,4-DIENE-3,17-DIONE 'C19 H24 O2'
FAD non-polymer 'FLAVIN-ADENINE DINUCLEOTIDE' 'C27 H33 N9 O15 P2'
#
# COMPACT_ATOMS: atom_id res chain seq x y z
N HIS A 1 21.08 -9.46 -9.57
CA HIS A 1 19.97 -10.37 -9.92
C HIS A 1 19.15 -9.77 -11.06
N HIS A 2 19.28 -10.32 -12.27
CA HIS A 2 18.44 -9.86 -13.41
C HIS A 2 17.41 -10.96 -13.65
N HIS A 3 16.27 -10.62 -14.23
CA HIS A 3 15.19 -11.63 -14.27
C HIS A 3 14.97 -12.24 -15.64
N HIS A 4 16.05 -12.56 -16.34
CA HIS A 4 16.02 -13.18 -17.68
C HIS A 4 15.28 -14.52 -17.64
N SER A 5 14.57 -14.83 -18.72
CA SER A 5 13.80 -16.09 -18.81
C SER A 5 14.72 -17.26 -19.14
N GLN A 6 14.44 -18.44 -18.58
CA GLN A 6 15.27 -19.65 -18.85
C GLN A 6 14.41 -20.63 -19.66
N LEU A 7 14.91 -21.08 -20.81
CA LEU A 7 14.11 -22.05 -21.59
C LEU A 7 14.34 -23.45 -21.03
N GLU A 8 13.27 -24.23 -21.00
CA GLU A 8 13.29 -25.61 -20.45
C GLU A 8 14.37 -26.44 -21.15
N ASN A 9 14.40 -26.38 -22.48
CA ASN A 9 15.38 -27.14 -23.31
C ASN A 9 16.79 -26.77 -22.91
N LEU A 10 17.08 -25.47 -22.77
CA LEU A 10 18.44 -25.04 -22.41
C LEU A 10 18.80 -25.59 -21.03
N TYR A 11 17.85 -25.59 -20.11
CA TYR A 11 18.14 -26.07 -18.75
C TYR A 11 18.34 -27.59 -18.77
N PHE A 12 17.59 -28.29 -19.63
CA PHE A 12 17.73 -29.76 -19.77
C PHE A 12 19.19 -30.10 -20.11
N GLN A 13 19.95 -29.18 -20.68
CA GLN A 13 21.42 -29.41 -20.85
C GLN A 13 22.07 -29.16 -19.47
N GLY A 14 21.99 -30.13 -18.54
CA GLY A 14 22.54 -29.98 -17.18
C GLY A 14 21.59 -30.38 -16.04
N SER A 15 20.82 -29.40 -15.50
CA SER A 15 20.01 -29.51 -14.26
C SER A 15 18.61 -30.07 -14.59
N ASP A 16 17.78 -30.23 -13.55
CA ASP A 16 16.39 -30.76 -13.71
C ASP A 16 15.52 -30.19 -12.58
N TRP A 17 14.21 -30.48 -12.61
CA TRP A 17 13.28 -29.97 -11.55
C TRP A 17 13.75 -30.42 -10.16
N THR A 18 14.02 -29.47 -9.26
CA THR A 18 14.20 -29.70 -7.81
C THR A 18 12.89 -30.20 -7.15
N SER A 19 11.78 -29.45 -7.27
CA SER A 19 10.47 -29.75 -6.64
C SER A 19 9.40 -29.53 -7.71
N GLU A 20 8.21 -30.01 -7.39
CA GLU A 20 7.00 -29.90 -8.26
C GLU A 20 5.84 -29.41 -7.38
N CYS A 21 4.97 -28.56 -7.91
CA CYS A 21 3.71 -28.18 -7.23
C CYS A 21 2.68 -27.91 -8.31
N ASP A 22 1.43 -27.73 -7.90
CA ASP A 22 0.37 -27.32 -8.85
C ASP A 22 0.47 -25.82 -9.01
N VAL A 23 0.51 -25.10 -7.90
CA VAL A 23 0.49 -23.60 -7.90
C VAL A 23 1.73 -23.10 -7.16
N LEU A 24 2.52 -22.30 -7.86
CA LEU A 24 3.70 -21.65 -7.23
C LEU A 24 3.31 -20.19 -6.98
N VAL A 25 3.41 -19.74 -5.74
CA VAL A 25 3.07 -18.33 -5.38
C VAL A 25 4.37 -17.63 -5.02
N VAL A 26 4.63 -16.52 -5.69
CA VAL A 26 5.81 -15.66 -5.40
C VAL A 26 5.32 -14.45 -4.64
N GLY A 27 5.93 -14.22 -3.48
CA GLY A 27 5.51 -13.22 -2.49
C GLY A 27 4.65 -13.84 -1.41
N SER A 28 4.35 -13.08 -0.35
CA SER A 28 3.57 -13.51 0.83
C SER A 28 2.79 -12.33 1.44
N GLY A 29 2.44 -11.34 0.61
CA GLY A 29 1.47 -10.27 0.94
C GLY A 29 0.06 -10.80 1.00
N GLY A 30 -0.90 -9.91 1.21
CA GLY A 30 -2.32 -10.26 1.32
C GLY A 30 -2.80 -11.03 0.10
N GLY A 31 -2.48 -10.53 -1.10
CA GLY A 31 -2.85 -11.20 -2.35
C GLY A 31 -2.20 -12.57 -2.43
N ALA A 32 -0.87 -12.62 -2.35
CA ALA A 32 -0.11 -13.88 -2.45
C ALA A 32 -0.79 -14.94 -1.57
N LEU A 33 -1.06 -14.64 -0.31
CA LEU A 33 -1.50 -15.70 0.64
C LEU A 33 -2.97 -16.05 0.42
N THR A 34 -3.78 -15.10 0.02
CA THR A 34 -5.18 -15.32 -0.41
C THR A 34 -5.20 -16.25 -1.63
N GLY A 35 -4.36 -15.99 -2.63
CA GLY A 35 -4.21 -16.87 -3.81
C GLY A 35 -3.77 -18.27 -3.39
N ALA A 36 -2.76 -18.33 -2.51
CA ALA A 36 -2.24 -19.59 -1.94
C ALA A 36 -3.37 -20.31 -1.23
N TYR A 37 -4.11 -19.62 -0.36
CA TYR A 37 -5.23 -20.26 0.37
C TYR A 37 -6.23 -20.82 -0.65
N THR A 38 -6.62 -20.03 -1.63
CA THR A 38 -7.68 -20.41 -2.59
C THR A 38 -7.22 -21.70 -3.28
N ALA A 39 -5.95 -21.78 -3.66
CA ALA A 39 -5.35 -22.93 -4.37
C ALA A 39 -5.36 -24.15 -3.45
N ALA A 40 -4.80 -24.02 -2.27
CA ALA A 40 -4.54 -25.14 -1.35
C ALA A 40 -5.85 -25.69 -0.75
N ALA A 41 -6.86 -24.83 -0.58
CA ALA A 41 -8.14 -25.16 0.09
C ALA A 41 -8.96 -26.13 -0.77
N GLN A 42 -8.80 -26.04 -2.10
CA GLN A 42 -9.49 -26.90 -3.09
C GLN A 42 -8.54 -27.99 -3.66
N GLY A 43 -7.49 -28.37 -2.92
CA GLY A 43 -6.69 -29.58 -3.24
C GLY A 43 -5.44 -29.37 -4.12
N LEU A 44 -5.07 -28.16 -4.49
CA LEU A 44 -3.87 -27.94 -5.35
C LEU A 44 -2.63 -27.80 -4.46
N THR A 45 -1.60 -28.63 -4.67
CA THR A 45 -0.32 -28.52 -3.92
C THR A 45 0.21 -27.12 -4.22
N THR A 46 0.65 -26.41 -3.20
CA THR A 46 0.99 -24.98 -3.29
C THR A 46 2.31 -24.73 -2.61
N ILE A 47 3.17 -23.95 -3.24
CA ILE A 47 4.42 -23.47 -2.60
C ILE A 47 4.43 -21.94 -2.60
N VAL A 48 4.70 -21.35 -1.44
CA VAL A 48 4.78 -19.88 -1.26
C VAL A 48 6.25 -19.50 -1.08
N LEU A 49 6.79 -18.66 -1.95
CA LEU A 49 8.18 -18.17 -1.86
C LEU A 49 8.17 -16.74 -1.34
N GLU A 50 8.74 -16.51 -0.15
CA GLU A 50 9.04 -15.15 0.36
C GLU A 50 10.54 -14.90 0.30
N LYS A 51 10.88 -13.79 -0.35
CA LYS A 51 12.27 -13.34 -0.57
C LYS A 51 12.99 -13.17 0.74
N THR A 52 12.41 -12.45 1.69
CA THR A 52 13.11 -12.07 2.94
C THR A 52 12.86 -13.11 4.01
N ASP A 53 13.31 -12.84 5.24
CA ASP A 53 13.18 -13.78 6.38
C ASP A 53 11.82 -13.55 7.08
N ARG A 54 10.95 -12.72 6.51
CA ARG A 54 9.64 -12.44 7.15
C ARG A 54 8.51 -12.36 6.10
N PHE A 55 7.39 -13.04 6.38
CA PHE A 55 6.17 -13.04 5.55
C PHE A 55 5.48 -11.70 5.71
N GLY A 56 4.82 -11.23 4.65
CA GLY A 56 3.77 -10.21 4.75
C GLY A 56 4.08 -8.96 3.96
N GLY A 57 5.35 -8.59 3.86
CA GLY A 57 5.82 -7.35 3.18
C GLY A 57 5.09 -6.11 3.65
N THR A 58 4.78 -5.21 2.73
CA THR A 58 4.02 -3.97 3.05
C THR A 58 2.65 -4.36 3.60
N SER A 59 2.04 -5.45 3.11
CA SER A 59 0.74 -5.94 3.63
C SER A 59 0.83 -6.12 5.15
N ALA A 60 1.99 -6.51 5.71
CA ALA A 60 2.13 -6.67 7.16
C ALA A 60 2.13 -5.31 7.85
N TYR A 61 2.73 -4.30 7.23
CA TYR A 61 2.83 -2.90 7.78
C TYR A 61 1.44 -2.26 7.82
N SER A 62 0.52 -2.74 6.99
CA SER A 62 -0.78 -2.06 6.71
C SER A 62 -1.66 -2.02 7.97
N GLY A 63 -2.75 -1.26 7.92
CA GLY A 63 -3.83 -1.30 8.93
C GLY A 63 -4.85 -2.37 8.59
N ALA A 64 -4.60 -3.11 7.50
CA ALA A 64 -5.41 -4.27 7.08
C ALA A 64 -6.85 -3.81 6.90
N SER A 65 -7.03 -2.58 6.45
CA SER A 65 -8.36 -2.14 6.01
C SER A 65 -8.52 -2.70 4.58
N ILE A 66 -9.64 -3.34 4.28
CA ILE A 66 -9.79 -4.02 2.98
C ILE A 66 -11.10 -3.57 2.31
N TRP A 67 -11.02 -3.07 1.09
CA TRP A 67 -12.17 -2.65 0.28
C TRP A 67 -12.68 -3.84 -0.53
N LEU A 68 -13.49 -4.69 0.13
CA LEU A 68 -14.25 -5.84 -0.41
C LEU A 68 -15.71 -5.60 -0.09
N PRO A 69 -16.47 -4.86 -0.94
CA PRO A 69 -17.81 -4.40 -0.56
C PRO A 69 -18.90 -5.41 -0.87
N GLY A 70 -20.02 -5.26 -0.15
CA GLY A 70 -21.26 -6.00 -0.48
C GLY A 70 -21.16 -7.44 -0.06
N THR A 71 -20.50 -7.73 1.07
CA THR A 71 -20.18 -9.10 1.54
C THR A 71 -20.97 -9.40 2.82
N GLN A 72 -20.93 -10.67 3.23
CA GLN A 72 -21.62 -11.15 4.44
C GLN A 72 -21.15 -10.30 5.64
N VAL A 73 -19.94 -9.73 5.58
CA VAL A 73 -19.36 -9.00 6.74
C VAL A 73 -20.08 -7.66 6.94
N GLN A 74 -20.33 -6.93 5.85
CA GLN A 74 -21.09 -5.65 5.90
C GLN A 74 -22.59 -5.95 6.14
N GLU A 75 -23.16 -7.06 5.64
CA GLU A 75 -24.54 -7.53 5.99
C GLU A 75 -24.68 -7.70 7.52
N ARG A 76 -23.72 -8.30 8.20
CA ARG A 76 -23.78 -8.49 9.69
C ARG A 76 -23.82 -7.14 10.40
N ALA A 77 -23.14 -6.13 9.88
CA ALA A 77 -23.11 -4.76 10.46
C ALA A 77 -24.34 -3.94 10.04
N GLY A 78 -25.20 -4.46 9.14
CA GLY A 78 -26.40 -3.80 8.60
C GLY A 78 -26.10 -2.55 7.77
N LEU A 79 -25.04 -2.59 6.99
CA LEU A 79 -24.52 -1.39 6.29
C LEU A 79 -25.50 -1.03 5.16
N PRO A 80 -25.86 0.28 4.99
CA PRO A 80 -26.59 0.72 3.82
C PRO A 80 -25.66 0.77 2.60
N ASP A 81 -25.31 -0.41 2.04
CA ASP A 81 -24.35 -0.52 0.90
C ASP A 81 -24.67 -1.79 0.12
N SER A 82 -24.20 -1.89 -1.12
CA SER A 82 -24.41 -3.07 -2.00
C SER A 82 -23.33 -3.13 -3.07
N THR A 83 -23.27 -4.27 -3.73
CA THR A 83 -22.36 -4.51 -4.87
C THR A 83 -22.56 -3.36 -5.85
N GLU A 84 -23.82 -3.04 -6.18
CA GLU A 84 -24.18 -2.04 -7.22
C GLU A 84 -23.79 -0.66 -6.72
N ASN A 85 -23.95 -0.37 -5.43
CA ASN A 85 -23.56 0.95 -4.89
C ASN A 85 -22.04 1.13 -5.03
N ALA A 86 -21.22 0.13 -4.66
CA ALA A 86 -19.75 0.16 -4.80
C ALA A 86 -19.37 0.23 -6.28
N ARG A 87 -20.08 -0.52 -7.14
CA ARG A 87 -19.83 -0.46 -8.61
C ARG A 87 -20.07 0.97 -9.12
N THR A 88 -21.08 1.69 -8.61
CA THR A 88 -21.32 3.08 -9.09
C THR A 88 -20.16 3.97 -8.69
N TYR A 89 -19.66 3.79 -7.46
CA TYR A 89 -18.58 4.65 -6.90
C TYR A 89 -17.37 4.53 -7.81
N LEU A 90 -17.02 3.31 -8.23
CA LEU A 90 -15.79 3.10 -9.05
C LEU A 90 -16.01 3.68 -10.45
N ARG A 91 -17.17 3.41 -11.04
CA ARG A 91 -17.57 3.93 -12.38
C ARG A 91 -17.46 5.47 -12.35
N ALA A 92 -17.94 6.10 -11.29
CA ALA A 92 -17.99 7.57 -11.20
C ALA A 92 -16.57 8.12 -11.15
N LEU A 93 -15.63 7.41 -10.53
CA LEU A 93 -14.20 7.87 -10.45
C LEU A 93 -13.41 7.47 -11.69
N LEU A 94 -13.49 6.22 -12.13
CA LEU A 94 -12.48 5.63 -13.07
C LEU A 94 -12.98 5.67 -14.53
N GLY A 95 -14.29 5.81 -14.74
CA GLY A 95 -14.91 5.73 -16.08
C GLY A 95 -14.94 4.29 -16.59
N ASP A 96 -14.96 4.11 -17.91
CA ASP A 96 -15.12 2.82 -18.63
C ASP A 96 -13.79 2.07 -18.69
N ALA A 97 -12.69 2.80 -18.45
CA ALA A 97 -11.30 2.29 -18.38
C ALA A 97 -11.24 1.15 -17.35
N GLU A 98 -11.03 -0.09 -17.80
CA GLU A 98 -10.85 -1.27 -16.92
C GLU A 98 -12.20 -1.65 -16.30
N SER A 99 -13.31 -1.31 -16.96
CA SER A 99 -14.67 -1.62 -16.46
C SER A 99 -14.82 -3.13 -16.23
N GLU A 100 -14.13 -3.98 -17.01
CA GLU A 100 -14.27 -5.46 -16.87
C GLU A 100 -13.67 -5.87 -15.51
N ARG A 101 -12.52 -5.31 -15.16
CA ARG A 101 -11.83 -5.59 -13.87
C ARG A 101 -12.56 -4.90 -12.70
N GLN A 102 -13.11 -3.70 -12.90
CA GLN A 102 -14.03 -3.08 -11.92
C GLN A 102 -15.15 -4.07 -11.62
N ASP A 103 -15.79 -4.65 -12.65
CA ASP A 103 -16.96 -5.54 -12.45
C ASP A 103 -16.51 -6.77 -11.65
N ALA A 104 -15.39 -7.37 -12.03
CA ALA A 104 -14.89 -8.63 -11.46
C ALA A 104 -14.49 -8.37 -10.01
N TYR A 105 -13.89 -7.20 -9.72
CA TYR A 105 -13.47 -6.80 -8.34
C TYR A 105 -14.66 -6.86 -7.38
N VAL A 106 -15.72 -6.15 -7.74
CA VAL A 106 -16.90 -5.85 -6.88
C VAL A 106 -17.81 -7.09 -6.81
N GLU A 107 -17.88 -7.84 -7.92
CA GLU A 107 -18.75 -9.01 -8.05
C GLU A 107 -18.13 -10.21 -7.34
N THR A 108 -16.81 -10.27 -7.23
CA THR A 108 -16.11 -11.43 -6.63
C THR A 108 -15.81 -11.24 -5.15
N ALA A 109 -15.84 -10.00 -4.67
CA ALA A 109 -15.55 -9.68 -3.25
C ALA A 109 -16.34 -10.59 -2.31
N PRO A 110 -17.66 -10.73 -2.45
CA PRO A 110 -18.44 -11.59 -1.57
C PRO A 110 -17.93 -13.02 -1.45
N ALA A 111 -17.53 -13.62 -2.58
CA ALA A 111 -17.05 -15.03 -2.61
C ALA A 111 -15.69 -15.14 -1.94
N VAL A 112 -14.83 -14.13 -2.09
CA VAL A 112 -13.48 -14.15 -1.48
C VAL A 112 -13.66 -14.15 0.04
N VAL A 113 -14.51 -13.25 0.54
CA VAL A 113 -14.77 -13.09 2.00
C VAL A 113 -15.41 -14.38 2.54
N ALA A 114 -16.42 -14.96 1.85
CA ALA A 114 -17.11 -16.19 2.30
C ALA A 114 -16.11 -17.36 2.37
N LEU A 115 -15.25 -17.53 1.37
CA LEU A 115 -14.25 -18.64 1.38
C LEU A 115 -13.32 -18.45 2.58
N LEU A 116 -12.77 -17.26 2.77
CA LEU A 116 -11.79 -17.00 3.85
C LEU A 116 -12.41 -17.14 5.25
N GLU A 117 -13.63 -16.67 5.52
CA GLU A 117 -14.21 -16.68 6.90
C GLU A 117 -14.61 -18.09 7.38
N GLN A 118 -14.84 -18.95 6.38
CA GLN A 118 -15.08 -20.42 6.47
C GLN A 118 -13.92 -21.02 7.26
N ASN A 119 -12.70 -20.52 7.04
CA ASN A 119 -11.49 -21.03 7.72
C ASN A 119 -11.57 -20.53 9.16
N PRO A 120 -11.38 -21.44 10.15
CA PRO A 120 -11.42 -21.05 11.56
C PRO A 120 -10.38 -19.99 11.97
N ASN A 121 -9.31 -19.82 11.20
CA ASN A 121 -8.23 -18.85 11.49
C ASN A 121 -8.62 -17.42 11.05
N ILE A 122 -9.72 -17.25 10.29
CA ILE A 122 -10.06 -15.96 9.61
C ILE A 122 -11.47 -15.52 9.99
N GLU A 123 -11.53 -14.29 10.48
CA GLU A 123 -12.76 -13.49 10.63
C GLU A 123 -12.43 -12.00 10.42
N PHE A 124 -13.30 -11.30 9.70
CA PHE A 124 -13.25 -9.84 9.47
C PHE A 124 -14.37 -9.13 10.21
N GLU A 125 -14.28 -7.81 10.32
CA GLU A 125 -15.41 -6.93 10.76
C GLU A 125 -15.32 -5.60 10.02
N PHE A 126 -16.47 -5.00 9.79
CA PHE A 126 -16.55 -3.61 9.29
C PHE A 126 -15.82 -2.72 10.29
N ARG A 127 -14.96 -1.80 9.83
CA ARG A 127 -14.40 -0.69 10.65
C ARG A 127 -14.53 0.62 9.87
N ALA A 128 -15.19 1.60 10.47
CA ALA A 128 -15.41 2.93 9.90
C ALA A 128 -14.06 3.57 9.49
N PHE A 129 -13.98 4.00 8.23
CA PHE A 129 -12.89 4.80 7.67
C PHE A 129 -13.46 5.37 6.37
N PRO A 130 -13.61 6.70 6.19
CA PRO A 130 -14.39 7.20 5.06
C PRO A 130 -13.76 6.86 3.70
N ASP A 131 -14.59 6.63 2.68
CA ASP A 131 -14.14 6.67 1.26
C ASP A 131 -13.58 8.06 0.99
N TYR A 132 -12.81 8.22 -0.08
CA TYR A 132 -11.85 9.36 -0.24
C TYR A 132 -12.32 10.41 -1.26
N TYR A 133 -13.33 10.16 -2.10
CA TYR A 133 -13.81 11.14 -3.13
C TYR A 133 -15.30 11.49 -3.00
N LYS A 134 -15.65 12.75 -3.25
CA LYS A 134 -17.07 13.16 -3.42
C LYS A 134 -17.53 12.53 -4.73
N ALA A 135 -18.38 11.52 -4.68
CA ALA A 135 -18.97 10.93 -5.91
C ALA A 135 -20.14 10.02 -5.52
N GLU A 136 -21.10 9.87 -6.43
CA GLU A 136 -22.20 8.88 -6.34
C GLU A 136 -21.63 7.59 -5.77
N GLY A 137 -22.22 7.07 -4.69
CA GLY A 137 -21.93 5.76 -4.11
C GLY A 137 -20.82 5.80 -3.07
N ARG A 138 -20.39 6.98 -2.67
CA ARG A 138 -19.38 7.18 -1.60
C ARG A 138 -20.02 6.73 -0.27
N MET A 139 -19.25 6.15 0.65
CA MET A 139 -19.69 5.85 2.03
C MET A 139 -18.92 6.78 2.96
N ASP A 140 -19.66 7.72 3.57
CA ASP A 140 -19.11 8.79 4.43
C ASP A 140 -18.42 8.12 5.64
N THR A 141 -18.87 6.94 6.06
CA THR A 141 -18.30 6.13 7.18
C THR A 141 -17.34 5.05 6.62
N GLY A 142 -17.39 4.76 5.32
CA GLY A 142 -16.64 3.66 4.70
C GLY A 142 -17.45 2.38 4.51
N ARG A 143 -16.88 1.40 3.80
CA ARG A 143 -17.47 0.05 3.72
C ARG A 143 -16.35 -0.99 3.86
N SER A 144 -15.21 -0.60 4.40
CA SER A 144 -14.03 -1.49 4.43
C SER A 144 -14.06 -2.38 5.67
N ILE A 145 -13.42 -3.55 5.58
CA ILE A 145 -13.41 -4.57 6.67
C ILE A 145 -11.96 -4.89 7.02
N ASN A 146 -11.77 -5.41 8.23
CA ASN A 146 -10.43 -5.58 8.86
C ASN A 146 -10.41 -6.95 9.49
N PRO A 147 -9.26 -7.66 9.51
CA PRO A 147 -9.16 -8.88 10.30
C PRO A 147 -9.25 -8.56 11.79
N LEU A 148 -9.82 -9.50 12.56
CA LEU A 148 -9.90 -9.37 14.03
C LEU A 148 -8.49 -9.48 14.59
N ASP A 149 -8.21 -8.70 15.63
CA ASP A 149 -7.00 -8.80 16.48
C ASP A 149 -6.74 -10.29 16.73
N LEU A 150 -5.47 -10.66 16.72
CA LEU A 150 -5.05 -12.09 16.76
C LEU A 150 -4.06 -12.22 17.90
N ASP A 151 -4.34 -13.11 18.84
CA ASP A 151 -3.39 -13.50 19.90
C ASP A 151 -2.28 -14.31 19.23
N PRO A 152 -1.02 -13.84 19.26
CA PRO A 152 0.06 -14.53 18.52
C PRO A 152 0.21 -16.02 18.91
N ALA A 153 -0.13 -16.38 20.14
CA ALA A 153 -0.15 -17.79 20.61
C ALA A 153 -1.05 -18.66 19.71
N ASP A 154 -2.14 -18.15 19.14
CA ASP A 154 -3.09 -19.01 18.40
C ASP A 154 -2.43 -19.55 17.12
N ILE A 155 -1.28 -19.00 16.70
CA ILE A 155 -0.66 -19.42 15.39
C ILE A 155 0.75 -20.01 15.58
N GLY A 156 1.23 -20.15 16.82
CA GLY A 156 2.42 -20.97 17.12
C GLY A 156 3.68 -20.40 16.48
N ASP A 157 4.31 -21.19 15.59
CA ASP A 157 5.66 -20.90 15.02
C ASP A 157 5.54 -19.79 13.97
N LEU A 158 4.33 -19.45 13.50
CA LEU A 158 4.14 -18.45 12.41
C LEU A 158 4.26 -17.02 12.93
N ALA A 159 4.07 -16.76 14.22
CA ALA A 159 4.05 -15.37 14.74
C ALA A 159 5.43 -14.72 14.59
N GLY A 160 6.48 -15.49 14.83
CA GLY A 160 7.88 -15.05 14.71
C GLY A 160 8.32 -14.94 13.26
N LYS A 161 7.48 -15.37 12.32
CA LYS A 161 7.78 -15.32 10.88
C LYS A 161 7.07 -14.10 10.28
N VAL A 162 6.29 -13.35 11.05
CA VAL A 162 5.43 -12.28 10.45
C VAL A 162 6.19 -10.97 10.56
N ARG A 163 6.31 -10.22 9.45
CA ARG A 163 7.01 -8.93 9.50
C ARG A 163 6.31 -8.02 10.51
N PRO A 164 7.06 -7.31 11.37
CA PRO A 164 6.47 -6.42 12.35
C PRO A 164 6.11 -5.02 11.82
N GLU A 165 5.33 -4.29 12.61
CA GLU A 165 4.90 -2.92 12.29
C GLU A 165 6.13 -2.03 12.07
N LEU A 166 5.96 -0.99 11.30
CA LEU A 166 7.00 -0.02 10.93
C LEU A 166 7.67 0.62 12.16
N ASP A 167 6.96 0.83 13.29
CA ASP A 167 7.58 1.40 14.52
C ASP A 167 8.58 0.42 15.17
N GLN A 168 8.58 -0.82 14.70
CA GLN A 168 9.49 -1.85 15.21
C GLN A 168 10.49 -2.24 14.12
N ASP A 169 10.03 -2.42 12.90
CA ASP A 169 10.79 -3.09 11.83
C ASP A 169 11.94 -2.23 11.33
N ARG A 170 11.86 -0.89 11.44
CA ARG A 170 12.94 -0.02 10.91
C ARG A 170 13.89 0.39 12.02
N THR A 171 13.78 -0.20 13.21
CA THR A 171 14.66 0.06 14.39
C THR A 171 15.20 -1.28 14.97
N GLY A 172 15.26 -2.31 14.13
CA GLY A 172 15.76 -3.64 14.52
C GLY A 172 14.94 -4.28 15.62
N GLN A 173 13.62 -4.17 15.57
CA GLN A 173 12.80 -4.73 16.66
C GLN A 173 11.77 -5.69 16.08
N ASP A 174 11.31 -6.60 16.92
CA ASP A 174 10.21 -7.55 16.58
C ASP A 174 8.90 -6.97 17.12
N HIS A 175 7.82 -7.74 17.04
CA HIS A 175 6.49 -7.36 17.58
C HIS A 175 6.62 -6.74 18.98
N ALA A 176 5.88 -5.65 19.17
CA ALA A 176 5.74 -4.93 20.45
C ALA A 176 4.70 -5.66 21.29
N PRO A 177 4.56 -5.30 22.59
CA PRO A 177 3.84 -6.12 23.57
C PRO A 177 2.48 -6.76 23.27
N GLY A 178 1.52 -6.08 22.66
CA GLY A 178 0.15 -6.66 22.77
C GLY A 178 -0.20 -7.75 21.74
N PRO A 179 -1.48 -7.84 21.29
CA PRO A 179 -1.83 -8.70 20.18
C PRO A 179 -1.35 -8.22 18.80
N MET A 180 -1.45 -9.08 17.80
CA MET A 180 -1.18 -8.74 16.40
C MET A 180 -2.45 -8.08 15.87
N ILE A 181 -2.30 -6.89 15.27
CA ILE A 181 -3.42 -6.05 14.72
C ILE A 181 -3.09 -5.62 13.28
N GLY A 182 -4.05 -5.01 12.57
CA GLY A 182 -3.84 -4.54 11.19
C GLY A 182 -3.16 -5.65 10.36
N GLY A 183 -2.17 -5.32 9.56
CA GLY A 183 -1.49 -6.30 8.68
C GLY A 183 -0.83 -7.45 9.44
N ARG A 184 -0.40 -7.28 10.69
CA ARG A 184 0.18 -8.40 11.46
C ARG A 184 -0.89 -9.47 11.62
N ALA A 185 -2.10 -9.07 11.95
CA ALA A 185 -3.27 -9.96 12.06
C ALA A 185 -3.68 -10.50 10.69
N LEU A 186 -3.60 -9.72 9.62
CA LEU A 186 -4.07 -10.20 8.28
C LEU A 186 -3.14 -11.31 7.82
N ILE A 187 -1.85 -11.05 7.92
CA ILE A 187 -0.79 -12.02 7.53
C ILE A 187 -0.75 -13.23 8.48
N GLY A 188 -0.84 -13.04 9.79
CA GLY A 188 -0.88 -14.16 10.76
C GLY A 188 -2.00 -15.15 10.46
N ARG A 189 -3.18 -14.61 10.16
CA ARG A 189 -4.40 -15.41 9.92
C ARG A 189 -4.31 -16.09 8.55
N LEU A 190 -3.86 -15.39 7.54
CA LEU A 190 -3.76 -15.99 6.19
C LEU A 190 -2.71 -17.11 6.20
N LEU A 191 -1.54 -16.85 6.80
CA LEU A 191 -0.49 -17.88 7.05
C LEU A 191 -1.11 -19.09 7.74
N ALA A 192 -1.83 -18.91 8.85
CA ALA A 192 -2.44 -20.05 9.59
C ALA A 192 -3.48 -20.77 8.72
N ALA A 193 -4.29 -20.04 7.94
CA ALA A 193 -5.30 -20.64 7.05
C ALA A 193 -4.59 -21.47 5.96
N VAL A 194 -3.64 -20.88 5.24
CA VAL A 194 -2.80 -21.60 4.22
C VAL A 194 -2.22 -22.88 4.86
N GLN A 195 -1.67 -22.80 6.07
CA GLN A 195 -1.02 -23.96 6.72
C GLN A 195 -2.05 -25.04 7.07
N SER A 196 -3.26 -24.65 7.53
CA SER A 196 -4.37 -25.54 7.95
C SER A 196 -4.79 -26.49 6.81
N THR A 197 -4.58 -26.10 5.55
CA THR A 197 -5.02 -26.88 4.38
C THR A 197 -4.22 -28.18 4.27
N GLY A 198 -2.98 -28.23 4.81
CA GLY A 198 -2.06 -29.38 4.64
C GLY A 198 -1.62 -29.59 3.18
N LYS A 199 -1.75 -28.58 2.33
CA LYS A 199 -1.45 -28.70 0.88
C LYS A 199 -0.42 -27.64 0.49
N ALA A 200 0.12 -26.93 1.48
CA ALA A 200 0.95 -25.75 1.17
C ALA A 200 2.27 -25.84 1.91
N GLU A 201 3.31 -25.40 1.25
CA GLU A 201 4.65 -25.18 1.83
C GLU A 201 4.86 -23.67 1.87
N LEU A 202 5.28 -23.16 3.02
CA LEU A 202 5.58 -21.73 3.26
C LEU A 202 7.09 -21.62 3.41
N ARG A 203 7.77 -20.92 2.51
CA ARG A 203 9.24 -20.73 2.53
C ARG A 203 9.62 -19.25 2.66
N THR A 204 10.54 -18.99 3.60
CA THR A 204 11.29 -17.72 3.75
C THR A 204 12.66 -17.80 3.05
N GLU A 205 13.25 -16.64 2.78
CA GLU A 205 14.56 -16.45 2.10
C GLU A 205 14.61 -17.37 0.88
N SER A 206 13.55 -17.31 0.09
CA SER A 206 13.43 -18.03 -1.20
C SER A 206 13.08 -16.97 -2.24
N VAL A 207 14.03 -16.61 -3.08
CA VAL A 207 13.84 -15.50 -4.03
C VAL A 207 13.53 -15.99 -5.44
N LEU A 208 12.49 -15.45 -6.07
CA LEU A 208 12.22 -15.81 -7.47
C LEU A 208 13.32 -15.16 -8.29
N THR A 209 13.95 -15.82 -9.26
CA THR A 209 14.89 -15.01 -10.09
C THR A 209 14.50 -15.05 -11.56
N SER A 210 14.20 -16.21 -12.14
CA SER A 210 13.82 -16.27 -13.57
C SER A 210 12.68 -17.27 -13.80
N LEU A 211 11.70 -16.91 -14.65
CA LEU A 211 10.59 -17.83 -14.96
C LEU A 211 11.12 -18.83 -15.98
N ILE A 212 10.61 -20.05 -15.95
CA ILE A 212 10.97 -21.13 -16.90
C ILE A 212 9.82 -21.33 -17.88
N VAL A 213 10.14 -21.16 -19.17
CA VAL A 213 9.21 -21.25 -20.32
C VAL A 213 9.50 -22.55 -21.10
N GLU A 214 8.47 -23.32 -21.45
CA GLU A 214 8.56 -24.36 -22.49
C GLU A 214 7.55 -23.99 -23.59
N ASP A 215 8.03 -23.79 -24.82
CA ASP A 215 7.16 -23.58 -26.01
C ASP A 215 6.21 -22.39 -25.74
N GLY A 216 6.72 -21.34 -25.07
CA GLY A 216 6.02 -20.07 -24.81
C GLY A 216 5.13 -20.05 -23.56
N ARG A 217 4.91 -21.20 -22.90
CA ARG A 217 4.13 -21.35 -21.65
C ARG A 217 5.10 -21.27 -20.44
N VAL A 218 4.70 -20.61 -19.35
CA VAL A 218 5.40 -20.69 -18.02
C VAL A 218 5.09 -22.03 -17.33
N VAL A 219 6.13 -22.80 -17.05
CA VAL A 219 6.02 -24.19 -16.47
C VAL A 219 6.68 -24.20 -15.09
N GLY A 220 7.26 -23.10 -14.65
CA GLY A 220 7.93 -23.11 -13.33
C GLY A 220 8.81 -21.91 -13.19
N ALA A 221 9.69 -21.91 -12.18
CA ALA A 221 10.61 -20.77 -11.96
C ALA A 221 11.76 -21.19 -11.03
N GLU A 222 12.98 -20.75 -11.32
CA GLU A 222 14.17 -21.07 -10.49
C GLU A 222 14.17 -20.13 -9.28
N VAL A 223 14.24 -20.68 -8.07
CA VAL A 223 14.21 -19.83 -6.83
C VAL A 223 15.50 -20.04 -6.04
N GLU A 224 16.18 -18.94 -5.70
CA GLU A 224 17.42 -18.95 -4.90
C GLU A 224 17.07 -19.09 -3.42
N SER A 225 17.60 -20.11 -2.76
CA SER A 225 17.42 -20.38 -1.31
C SER A 225 18.74 -20.90 -0.71
N GLY A 226 19.37 -20.08 0.14
CA GLY A 226 20.64 -20.38 0.83
C GLY A 226 21.79 -20.71 -0.13
N GLY A 227 22.22 -19.74 -0.97
CA GLY A 227 23.39 -19.83 -1.87
C GLY A 227 23.17 -20.76 -3.07
N GLU A 228 22.29 -21.76 -2.92
CA GLU A 228 21.94 -22.75 -3.98
C GLU A 228 20.71 -22.25 -4.76
N THR A 229 20.68 -22.63 -6.04
CA THR A 229 19.60 -22.44 -7.02
C THR A 229 18.66 -23.66 -7.02
N GLN A 230 17.35 -23.46 -7.08
CA GLN A 230 16.39 -24.58 -7.20
C GLN A 230 15.52 -24.29 -8.41
N ARG A 231 14.97 -25.34 -8.99
CA ARG A 231 14.06 -25.27 -10.15
C ARG A 231 12.72 -25.85 -9.72
N ILE A 232 11.70 -25.01 -9.64
CA ILE A 232 10.41 -25.47 -9.08
C ILE A 232 9.42 -25.52 -10.24
N LYS A 233 8.87 -26.71 -10.46
CA LYS A 233 7.87 -26.91 -11.53
C LYS A 233 6.50 -26.53 -10.96
N ALA A 234 5.70 -25.86 -11.78
CA ALA A 234 4.30 -25.45 -11.49
C ALA A 234 3.37 -26.00 -12.57
N ASN A 235 2.66 -27.08 -12.24
CA ASN A 235 1.76 -27.79 -13.19
C ASN A 235 0.63 -26.87 -13.64
N ARG A 236 0.08 -26.03 -12.75
CA ARG A 236 -1.10 -25.18 -13.08
C ARG A 236 -0.67 -23.75 -13.37
N GLY A 237 0.23 -23.17 -12.57
CA GLY A 237 0.61 -21.77 -12.78
C GLY A 237 1.51 -21.21 -11.70
N VAL A 238 2.10 -20.08 -12.03
CA VAL A 238 2.87 -19.19 -11.13
C VAL A 238 2.03 -17.94 -10.89
N LEU A 239 1.64 -17.71 -9.65
CA LEU A 239 1.00 -16.44 -9.23
C LEU A 239 2.11 -15.54 -8.73
N MET A 240 2.33 -14.44 -9.42
CA MET A 240 3.36 -13.47 -9.00
C MET A 240 2.68 -12.30 -8.29
N ALA A 241 2.72 -12.30 -6.98
CA ALA A 241 2.19 -11.20 -6.15
C ALA A 241 3.32 -10.80 -5.21
N ALA A 242 4.39 -10.29 -5.80
CA ALA A 242 5.64 -9.94 -5.08
C ALA A 242 5.87 -8.43 -5.02
N GLY A 243 4.81 -7.63 -5.04
CA GLY A 243 4.91 -6.18 -4.92
C GLY A 243 5.39 -5.51 -6.20
N GLY A 244 5.79 -4.25 -6.10
CA GLY A 244 6.07 -3.40 -7.28
C GLY A 244 7.54 -3.02 -7.41
N ILE A 245 7.78 -1.84 -8.02
CA ILE A 245 9.14 -1.30 -8.31
C ILE A 245 9.54 -0.29 -7.22
N GLU A 246 8.75 -0.18 -6.14
CA GLU A 246 8.84 0.89 -5.10
C GLU A 246 10.27 0.97 -4.54
N GLY A 247 10.94 -0.17 -4.39
CA GLY A 247 12.29 -0.24 -3.77
C GLY A 247 13.43 -0.12 -4.77
N ASN A 248 13.14 0.08 -6.07
CA ASN A 248 14.14 0.10 -7.17
C ASN A 248 14.16 1.50 -7.80
N ALA A 249 15.12 2.33 -7.36
CA ALA A 249 15.36 3.72 -7.82
C ALA A 249 15.56 3.73 -9.35
N GLU A 250 16.25 2.73 -9.89
CA GLU A 250 16.60 2.68 -11.34
C GLU A 250 15.33 2.43 -12.13
N MET A 251 14.48 1.49 -11.71
CA MET A 251 13.21 1.25 -12.46
C MET A 251 12.29 2.48 -12.35
N ARG A 252 12.29 3.18 -11.22
CA ARG A 252 11.43 4.37 -10.98
C ARG A 252 11.91 5.53 -11.86
N GLU A 253 13.21 5.83 -11.86
CA GLU A 253 13.80 6.88 -12.75
C GLU A 253 13.45 6.52 -14.19
N GLN A 254 13.70 5.29 -14.60
CA GLN A 254 13.37 4.88 -15.98
C GLN A 254 11.87 5.10 -16.25
N ALA A 255 10.97 4.74 -15.34
CA ALA A 255 9.52 4.85 -15.60
C ALA A 255 9.03 6.31 -15.42
N GLY A 256 9.74 7.18 -14.72
CA GLY A 256 9.25 8.57 -14.49
C GLY A 256 8.33 8.67 -13.27
N THR A 257 8.30 7.61 -12.46
CA THR A 257 7.59 7.51 -11.19
C THR A 257 8.09 8.63 -10.29
N PRO A 258 7.20 9.53 -9.83
CA PRO A 258 7.61 10.51 -8.82
C PRO A 258 7.94 9.82 -7.49
N GLY A 259 8.56 10.57 -6.60
CA GLY A 259 8.99 10.11 -5.27
C GLY A 259 10.38 9.53 -5.36
N LYS A 260 10.78 8.78 -4.35
CA LYS A 260 12.08 8.07 -4.35
C LYS A 260 11.96 6.78 -3.57
N ALA A 261 12.72 5.77 -4.01
CA ALA A 261 12.92 4.49 -3.32
C ALA A 261 13.07 4.73 -1.83
N ILE A 262 13.92 5.68 -1.43
CA ILE A 262 14.28 5.88 0.00
C ILE A 262 13.07 6.46 0.77
N TRP A 263 12.11 7.06 0.06
CA TRP A 263 10.90 7.64 0.67
C TRP A 263 9.77 6.60 0.73
N SER A 264 9.85 5.51 -0.03
CA SER A 264 8.81 4.44 -0.03
C SER A 264 8.69 3.84 1.37
N MET A 265 7.46 3.48 1.77
CA MET A 265 7.21 2.79 3.05
C MET A 265 7.20 1.26 2.81
N GLY A 266 7.51 0.78 1.62
CA GLY A 266 7.81 -0.66 1.39
C GLY A 266 8.93 -1.08 2.32
N PRO A 267 9.06 -2.37 2.67
CA PRO A 267 10.20 -2.81 3.49
C PRO A 267 11.49 -2.57 2.68
N PHE A 268 12.47 -1.93 3.29
CA PHE A 268 13.76 -1.63 2.62
C PHE A 268 14.29 -2.91 1.94
N GLY A 269 14.49 -2.86 0.62
CA GLY A 269 15.23 -3.89 -0.13
C GLY A 269 14.33 -5.01 -0.64
N ALA A 270 13.04 -5.00 -0.32
CA ALA A 270 12.15 -6.15 -0.57
C ALA A 270 11.58 -6.08 -1.98
N ASN A 271 10.88 -5.01 -2.31
CA ASN A 271 10.04 -4.90 -3.52
C ASN A 271 10.87 -4.15 -4.57
N THR A 272 11.66 -4.87 -5.38
CA THR A 272 12.67 -4.30 -6.32
C THR A 272 12.30 -4.64 -7.76
N GLY A 273 11.01 -4.83 -8.00
CA GLY A 273 10.42 -5.15 -9.31
C GLY A 273 10.82 -6.50 -9.86
N ASP A 274 11.31 -7.42 -9.02
CA ASP A 274 11.84 -8.73 -9.47
C ASP A 274 10.77 -9.44 -10.32
N ALA A 275 9.51 -9.45 -9.89
CA ALA A 275 8.44 -10.22 -10.58
C ALA A 275 7.98 -9.49 -11.84
N ILE A 276 8.03 -8.17 -11.86
CA ILE A 276 7.56 -7.42 -13.05
C ILE A 276 8.58 -7.66 -14.16
N SER A 277 9.84 -7.56 -13.78
CA SER A 277 11.04 -7.86 -14.60
C SER A 277 10.91 -9.28 -15.17
N ALA A 278 10.68 -10.30 -14.33
CA ALA A 278 10.61 -11.70 -14.81
C ALA A 278 9.45 -11.83 -15.79
N GLY A 279 8.38 -11.06 -15.56
CA GLY A 279 7.19 -11.08 -16.43
C GLY A 279 7.46 -10.43 -17.78
N ILE A 280 8.20 -9.33 -17.79
CA ILE A 280 8.55 -8.66 -19.08
C ILE A 280 9.44 -9.61 -19.89
N ALA A 281 10.35 -10.33 -19.22
CA ALA A 281 11.36 -11.22 -19.86
C ALA A 281 10.67 -12.31 -20.68
N VAL A 282 9.44 -12.67 -20.34
CA VAL A 282 8.72 -13.78 -21.03
C VAL A 282 7.62 -13.19 -21.90
N GLY A 283 7.61 -11.86 -22.10
CA GLY A 283 6.73 -11.16 -23.08
C GLY A 283 5.55 -10.40 -22.46
N GLY A 284 5.52 -10.21 -21.14
CA GLY A 284 4.42 -9.47 -20.52
C GLY A 284 4.48 -7.99 -20.87
N ALA A 285 3.35 -7.39 -21.21
CA ALA A 285 3.22 -5.93 -21.34
C ALA A 285 3.16 -5.30 -19.96
N THR A 286 3.45 -4.00 -19.88
CA THR A 286 3.33 -3.17 -18.67
C THR A 286 2.52 -1.89 -18.94
N ALA A 287 1.95 -1.34 -17.87
CA ALA A 287 1.23 -0.05 -17.84
C ALA A 287 1.38 0.64 -16.48
N LEU A 288 1.09 1.95 -16.44
CA LEU A 288 1.01 2.83 -15.24
C LEU A 288 2.29 2.81 -14.39
N LEU A 289 3.47 2.56 -14.96
CA LEU A 289 4.72 2.45 -14.16
C LEU A 289 5.06 3.78 -13.51
N ASP A 290 4.52 4.89 -13.99
CA ASP A 290 4.79 6.23 -13.41
C ASP A 290 3.81 6.51 -12.26
N GLN A 291 2.93 5.56 -11.94
CA GLN A 291 1.89 5.75 -10.90
C GLN A 291 2.31 5.00 -9.64
N ALA A 292 2.05 5.62 -8.48
CA ALA A 292 2.21 4.97 -7.16
C ALA A 292 0.97 5.25 -6.31
N TRP A 293 0.85 4.50 -5.22
CA TRP A 293 -0.07 4.81 -4.10
C TRP A 293 0.64 5.88 -3.25
N PHE A 294 0.37 7.14 -3.55
CA PHE A 294 1.18 8.28 -3.02
C PHE A 294 0.78 8.62 -1.59
N CYS A 295 1.70 9.24 -0.85
CA CYS A 295 1.34 9.84 0.44
C CYS A 295 2.39 10.87 0.79
N PRO A 296 2.02 11.89 1.59
CA PRO A 296 3.02 12.76 2.16
C PRO A 296 3.82 11.89 3.12
N GLY A 297 5.10 12.22 3.28
CA GLY A 297 6.01 11.56 4.23
C GLY A 297 6.77 12.58 5.03
N VAL A 298 6.86 12.37 6.33
CA VAL A 298 7.71 13.23 7.19
C VAL A 298 9.16 12.77 6.99
N GLU A 299 9.99 13.63 6.44
CA GLU A 299 11.43 13.33 6.17
C GLU A 299 12.06 12.96 7.51
N GLN A 300 12.85 11.88 7.53
CA GLN A 300 13.55 11.31 8.72
C GLN A 300 15.01 11.76 8.69
N PRO A 301 15.70 11.80 9.85
CA PRO A 301 17.14 12.05 9.88
C PRO A 301 17.94 11.23 8.86
N ASP A 302 17.59 9.97 8.66
CA ASP A 302 18.40 9.03 7.83
C ASP A 302 18.09 9.27 6.35
N GLY A 303 17.18 10.21 6.00
CA GLY A 303 16.81 10.46 4.59
C GLY A 303 15.56 9.70 4.09
N SER A 304 15.04 8.76 4.90
CA SER A 304 13.78 8.01 4.63
C SER A 304 12.59 8.89 5.08
N ALA A 305 11.39 8.34 5.02
CA ALA A 305 10.14 9.05 5.35
C ALA A 305 9.26 8.24 6.29
N ALA A 306 8.29 8.93 6.90
CA ALA A 306 7.16 8.34 7.64
C ALA A 306 5.82 8.74 7.01
N PHE A 307 4.97 7.76 6.74
CA PHE A 307 3.59 7.98 6.25
C PHE A 307 2.89 8.99 7.18
N MET A 308 2.51 10.17 6.68
CA MET A 308 1.77 11.18 7.45
C MET A 308 0.29 11.06 7.07
N VAL A 309 -0.54 10.62 8.02
CA VAL A 309 -1.99 10.30 7.77
C VAL A 309 -2.81 10.92 8.92
N GLY A 310 -4.11 11.11 8.73
CA GLY A 310 -4.99 11.73 9.74
C GLY A 310 -4.46 13.07 10.26
N VAL A 311 -4.11 13.97 9.37
CA VAL A 311 -3.72 15.36 9.76
C VAL A 311 -4.87 15.96 10.58
N ARG A 312 -4.55 16.70 11.62
CA ARG A 312 -5.58 17.26 12.52
C ARG A 312 -5.17 18.63 13.04
N GLY A 313 -4.14 19.22 12.44
CA GLY A 313 -3.73 20.61 12.75
C GLY A 313 -2.62 21.04 11.81
N GLY A 314 -1.97 22.14 12.12
CA GLY A 314 -0.93 22.73 11.28
C GLY A 314 -1.48 23.24 9.97
N LEU A 315 -0.60 23.70 9.11
CA LEU A 315 -0.83 23.94 7.67
C LEU A 315 0.46 23.58 6.94
N VAL A 316 0.39 23.57 5.63
CA VAL A 316 1.56 23.25 4.75
C VAL A 316 1.78 24.38 3.75
N VAL A 317 3.05 24.75 3.60
CA VAL A 317 3.53 25.78 2.63
C VAL A 317 4.51 25.13 1.65
N ASP A 318 4.53 25.66 0.43
CA ASP A 318 5.62 25.46 -0.54
C ASP A 318 6.80 26.33 -0.11
N SER A 319 7.85 26.36 -0.93
CA SER A 319 9.14 27.03 -0.63
C SER A 319 9.01 28.56 -0.72
N ALA A 320 7.87 29.06 -1.18
CA ALA A 320 7.51 30.51 -1.19
C ALA A 320 6.79 30.90 0.11
N GLY A 321 6.43 29.93 0.97
CA GLY A 321 5.79 30.19 2.28
C GLY A 321 4.28 30.36 2.16
N GLU A 322 3.67 29.72 1.16
CA GLU A 322 2.24 29.85 0.79
C GLU A 322 1.51 28.50 0.82
N ARG A 323 0.29 28.47 1.33
CA ARG A 323 -0.59 27.29 1.21
C ARG A 323 -0.88 27.09 -0.26
N TYR A 324 -1.00 25.83 -0.68
CA TYR A 324 -1.32 25.39 -2.06
C TYR A 324 -2.23 24.17 -2.06
N LEU A 325 -2.55 23.58 -0.89
CA LEU A 325 -3.56 22.47 -0.89
C LEU A 325 -4.34 22.46 0.42
N ASN A 326 -5.47 21.78 0.39
CA ASN A 326 -6.16 21.31 1.60
C ASN A 326 -5.27 20.24 2.29
N GLU A 327 -4.65 20.58 3.43
CA GLU A 327 -3.69 19.71 4.16
C GLU A 327 -4.40 18.45 4.67
N SER A 328 -5.74 18.43 4.71
CA SER A 328 -6.56 17.31 5.25
C SER A 328 -6.99 16.35 4.13
N LEU A 329 -6.57 16.59 2.88
CA LEU A 329 -6.96 15.73 1.72
C LEU A 329 -6.55 14.30 2.02
N PRO A 330 -7.31 13.30 1.54
CA PRO A 330 -6.82 11.92 1.54
C PRO A 330 -5.40 11.89 0.98
N TYR A 331 -4.51 11.11 1.61
CA TYR A 331 -3.04 11.06 1.38
C TYR A 331 -2.63 10.92 -0.10
N ASP A 332 -3.35 10.15 -0.93
CA ASP A 332 -2.99 10.01 -2.37
C ASP A 332 -3.24 11.33 -3.11
N GLN A 333 -4.34 12.02 -2.78
CA GLN A 333 -4.67 13.30 -3.48
C GLN A 333 -3.71 14.36 -2.97
N PHE A 334 -3.37 14.31 -1.68
CA PHE A 334 -2.34 15.20 -1.07
C PHE A 334 -1.05 15.06 -1.89
N GLY A 335 -0.60 13.81 -2.06
CA GLY A 335 0.68 13.47 -2.70
C GLY A 335 0.67 13.90 -4.16
N ARG A 336 -0.41 13.61 -4.88
CA ARG A 336 -0.61 14.07 -6.28
C ARG A 336 -0.55 15.60 -6.34
N ALA A 337 -1.09 16.30 -5.35
CA ALA A 337 -1.08 17.78 -5.35
C ALA A 337 0.34 18.33 -5.07
N MET A 338 1.15 17.65 -4.27
CA MET A 338 2.56 18.03 -4.07
C MET A 338 3.27 17.96 -5.43
N ASP A 339 3.09 16.85 -6.15
CA ASP A 339 3.77 16.61 -7.44
C ASP A 339 3.30 17.61 -8.49
N ALA A 340 2.01 17.91 -8.52
CA ALA A 340 1.44 18.85 -9.51
C ALA A 340 1.95 20.26 -9.25
N HIS A 341 2.19 20.61 -7.99
CA HIS A 341 2.62 21.97 -7.63
C HIS A 341 4.14 22.10 -7.63
N ASP A 342 4.85 21.00 -7.87
CA ASP A 342 6.33 21.01 -7.79
C ASP A 342 6.99 21.68 -9.00
N ASP A 343 7.56 22.85 -8.81
CA ASP A 343 8.31 23.57 -9.87
C ASP A 343 9.79 23.46 -9.53
N ASN A 344 10.39 22.34 -9.87
CA ASN A 344 11.82 22.08 -9.59
C ASN A 344 12.10 22.32 -8.10
N GLY A 345 11.30 21.74 -7.21
CA GLY A 345 11.60 21.79 -5.77
C GLY A 345 10.79 22.79 -4.97
N SER A 346 9.73 23.36 -5.54
CA SER A 346 8.96 24.33 -4.73
C SER A 346 8.00 23.57 -3.79
N ALA A 347 7.68 22.32 -4.12
CA ALA A 347 6.69 21.56 -3.31
C ALA A 347 7.31 20.29 -2.69
N VAL A 348 8.41 19.80 -3.26
CA VAL A 348 9.12 18.60 -2.73
C VAL A 348 10.54 19.02 -2.41
N PRO A 349 10.89 19.33 -1.14
CA PRO A 349 9.96 19.25 0.00
C PRO A 349 8.91 20.38 0.10
N SER A 350 7.82 20.12 0.82
CA SER A 350 6.95 21.13 1.46
C SER A 350 7.28 21.18 2.94
N PHE A 351 6.71 22.16 3.62
CA PHE A 351 6.99 22.44 5.04
C PHE A 351 5.67 22.40 5.81
N MET A 352 5.53 21.46 6.76
CA MET A 352 4.36 21.45 7.69
C MET A 352 4.66 22.40 8.84
N ILE A 353 3.82 23.42 9.00
CA ILE A 353 3.96 24.48 10.05
C ILE A 353 2.99 24.15 11.17
N PHE A 354 3.45 24.10 12.43
CA PHE A 354 2.58 23.84 13.61
C PHE A 354 3.15 24.52 14.86
N ASP A 355 2.32 24.59 15.91
CA ASP A 355 2.70 25.20 17.21
C ASP A 355 2.82 24.07 18.24
N SER A 356 2.66 24.40 19.53
CA SER A 356 2.91 23.55 20.72
C SER A 356 1.60 22.98 21.26
N ARG A 357 0.55 23.06 20.46
CA ARG A 357 -0.81 22.58 20.80
C ARG A 357 -0.73 21.11 21.24
N GLU A 358 0.18 20.32 20.64
CA GLU A 358 0.35 18.88 20.96
C GLU A 358 1.68 18.65 21.69
N GLY A 359 2.16 19.66 22.43
CA GLY A 359 3.38 19.58 23.28
C GLY A 359 4.67 19.39 22.51
N GLY A 360 4.74 19.87 21.28
CA GLY A 360 5.90 19.72 20.39
C GLY A 360 5.63 18.69 19.32
N GLY A 361 4.56 17.91 19.47
CA GLY A 361 4.19 16.84 18.53
C GLY A 361 3.68 17.41 17.22
N LEU A 362 3.99 16.75 16.10
CA LEU A 362 3.40 17.11 14.80
C LEU A 362 1.95 16.61 14.81
N PRO A 363 0.98 17.47 14.43
CA PRO A 363 -0.46 17.16 14.53
C PRO A 363 -0.96 16.26 13.39
N ALA A 364 -0.47 15.02 13.40
CA ALA A 364 -0.94 13.91 12.55
C ALA A 364 -0.46 12.57 13.14
N ILE A 365 -0.88 11.45 12.55
CA ILE A 365 -0.23 10.11 12.73
C ILE A 365 0.97 10.02 11.77
N CYS A 366 2.16 9.75 12.31
CA CYS A 366 3.39 9.54 11.52
C CYS A 366 3.80 8.08 11.77
N ILE A 367 3.98 7.29 10.71
CA ILE A 367 4.34 5.84 10.79
C ILE A 367 5.62 5.62 9.97
N PRO A 368 6.79 5.39 10.62
CA PRO A 368 6.92 5.33 12.07
C PRO A 368 6.99 6.73 12.70
N ASN A 369 7.01 6.79 14.03
CA ASN A 369 6.84 8.06 14.78
C ASN A 369 8.14 8.42 15.48
N THR A 370 9.04 9.10 14.78
CA THR A 370 10.37 9.54 15.31
C THR A 370 10.13 10.68 16.30
N ALA A 371 10.87 10.70 17.41
CA ALA A 371 10.73 11.69 18.49
C ALA A 371 11.05 13.08 17.95
N PRO A 372 10.22 14.10 18.24
CA PRO A 372 10.57 15.49 17.94
C PRO A 372 12.04 15.82 18.24
N ALA A 373 12.57 15.52 19.43
CA ALA A 373 13.98 15.80 19.81
C ALA A 373 14.93 15.29 18.73
N LYS A 374 14.61 14.14 18.11
CA LYS A 374 15.53 13.53 17.12
C LYS A 374 15.47 14.33 15.83
N HIS A 375 14.27 14.71 15.39
CA HIS A 375 14.09 15.50 14.15
C HIS A 375 14.80 16.87 14.32
N LEU A 376 14.76 17.46 15.52
CA LEU A 376 15.37 18.78 15.81
C LEU A 376 16.90 18.65 15.85
N GLU A 377 17.50 17.67 16.56
CA GLU A 377 18.99 17.41 16.51
C GLU A 377 19.43 17.33 15.04
N ALA A 378 18.68 16.58 14.23
CA ALA A 378 19.03 16.26 12.83
C ALA A 378 18.70 17.42 11.87
N GLY A 379 17.76 18.32 12.21
CA GLY A 379 17.40 19.48 11.36
C GLY A 379 16.31 19.20 10.31
N THR A 380 15.70 18.00 10.32
CA THR A 380 14.53 17.69 9.48
C THR A 380 13.38 18.54 9.97
N TRP A 381 13.31 18.75 11.28
CA TRP A 381 12.43 19.79 11.85
C TRP A 381 13.30 20.93 12.38
N VAL A 382 12.69 22.11 12.44
CA VAL A 382 13.24 23.36 13.02
C VAL A 382 12.20 23.99 13.98
N GLY A 383 12.64 24.56 15.10
CA GLY A 383 11.75 25.27 16.04
C GLY A 383 12.22 26.67 16.36
N ALA A 384 11.31 27.56 16.75
CA ALA A 384 11.60 28.99 16.99
C ALA A 384 10.49 29.59 17.84
N ASP A 385 10.77 30.70 18.53
CA ASP A 385 9.76 31.37 19.38
C ASP A 385 8.90 32.31 18.53
N THR A 386 9.28 32.59 17.27
CA THR A 386 8.52 33.49 16.36
C THR A 386 8.51 32.95 14.92
N LEU A 387 7.44 33.23 14.18
CA LEU A 387 7.36 32.88 12.74
C LEU A 387 8.51 33.54 11.96
N GLU A 388 8.97 34.72 12.39
CA GLU A 388 10.12 35.41 11.71
C GLU A 388 11.37 34.57 11.87
N GLU A 389 11.67 34.10 13.09
CA GLU A 389 12.86 33.26 13.38
C GLU A 389 12.68 31.91 12.67
N LEU A 390 11.45 31.36 12.62
CA LEU A 390 11.18 30.06 11.93
C LEU A 390 11.48 30.22 10.43
N ALA A 391 11.02 31.30 9.81
CA ALA A 391 11.24 31.51 8.35
C ALA A 391 12.75 31.60 8.09
N ALA A 392 13.48 32.32 8.95
CA ALA A 392 14.96 32.43 8.90
C ALA A 392 15.57 31.03 8.93
N LYS A 393 15.17 30.22 9.91
CA LYS A 393 15.80 28.87 10.09
C LYS A 393 15.44 27.92 8.94
N THR A 394 14.34 28.12 8.21
CA THR A 394 13.93 27.17 7.14
C THR A 394 14.30 27.70 5.77
N GLY A 395 14.68 28.97 5.65
CA GLY A 395 14.85 29.66 4.35
C GLY A 395 13.51 29.93 3.68
N LEU A 396 12.44 30.12 4.45
CA LEU A 396 11.12 30.50 3.88
C LEU A 396 11.04 32.02 3.90
N PRO A 397 10.45 32.64 2.86
CA PRO A 397 10.16 34.08 2.91
C PRO A 397 9.33 34.47 4.15
N ALA A 398 9.89 35.31 5.04
CA ALA A 398 9.31 35.61 6.37
C ALA A 398 7.96 36.34 6.24
N ASP A 399 7.83 37.28 5.30
CA ASP A 399 6.62 38.13 5.22
C ASP A 399 5.45 37.25 4.77
N ALA A 400 5.68 36.42 3.72
CA ALA A 400 4.72 35.44 3.15
C ALA A 400 4.31 34.42 4.24
N LEU A 401 5.29 33.81 4.91
CA LEU A 401 4.96 32.82 5.98
C LEU A 401 4.09 33.51 7.03
N ARG A 402 4.42 34.74 7.45
CA ARG A 402 3.61 35.50 8.45
C ARG A 402 2.19 35.70 7.90
N SER A 403 2.01 36.10 6.62
CA SER A 403 0.67 36.39 6.04
C SER A 403 -0.11 35.09 5.98
N THR A 404 0.53 34.01 5.50
CA THR A 404 -0.07 32.66 5.36
C THR A 404 -0.66 32.26 6.71
N VAL A 405 0.11 32.36 7.78
CA VAL A 405 -0.35 31.91 9.12
C VAL A 405 -1.48 32.85 9.59
N GLU A 406 -1.32 34.17 9.46
CA GLU A 406 -2.35 35.14 9.91
C GLU A 406 -3.68 34.86 9.18
N LYS A 407 -3.64 34.62 7.87
CA LYS A 407 -4.83 34.27 7.05
C LYS A 407 -5.40 32.90 7.46
N PHE A 408 -4.55 31.90 7.72
CA PHE A 408 -5.02 30.56 8.19
C PHE A 408 -5.70 30.71 9.56
N ASN A 409 -5.14 31.50 10.47
CA ASN A 409 -5.71 31.77 11.83
C ASN A 409 -7.07 32.48 11.72
N ASP A 410 -7.24 33.42 10.79
CA ASP A 410 -8.53 34.13 10.55
C ASP A 410 -9.55 33.08 10.10
N ALA A 411 -9.15 32.12 9.27
CA ALA A 411 -10.01 31.01 8.79
C ALA A 411 -10.39 30.11 9.98
N ALA A 412 -9.44 29.81 10.84
CA ALA A 412 -9.72 29.02 12.07
C ALA A 412 -10.73 29.79 12.94
N LYS A 413 -10.56 31.09 13.13
CA LYS A 413 -11.48 31.86 14.00
C LYS A 413 -12.88 31.88 13.38
N LEU A 414 -12.97 31.97 12.07
CA LEU A 414 -14.26 32.02 11.33
C LEU A 414 -14.92 30.64 11.34
N GLY A 415 -14.13 29.63 11.00
CA GLY A 415 -14.58 28.21 10.90
C GLY A 415 -14.73 27.75 9.45
N VAL A 416 -14.27 28.55 8.45
CA VAL A 416 -14.14 28.11 7.02
C VAL A 416 -12.82 28.63 6.48
N ASP A 417 -12.31 27.88 5.52
CA ASP A 417 -11.07 28.14 4.78
C ASP A 417 -11.50 28.47 3.36
N GLU A 418 -11.67 29.77 3.07
CA GLU A 418 -12.11 30.36 1.75
C GLU A 418 -11.24 29.73 0.66
N GLU A 419 -9.95 29.64 0.92
CA GLU A 419 -8.92 29.33 -0.11
C GLU A 419 -8.96 27.84 -0.49
N PHE A 420 -8.99 26.88 0.45
CA PHE A 420 -8.83 25.42 0.09
C PHE A 420 -9.91 24.52 0.68
N HIS A 421 -10.88 25.05 1.44
CA HIS A 421 -12.12 24.33 1.86
C HIS A 421 -11.80 23.17 2.83
N ARG A 422 -10.69 23.27 3.56
CA ARG A 422 -10.32 22.30 4.61
C ARG A 422 -11.45 22.19 5.65
N GLY A 423 -11.89 20.98 5.95
CA GLY A 423 -12.88 20.70 7.00
C GLY A 423 -14.31 20.54 6.48
N GLU A 424 -14.49 20.44 5.16
CA GLU A 424 -15.81 20.55 4.49
C GLU A 424 -16.13 19.18 3.83
N ASP A 425 -15.58 18.12 4.40
CA ASP A 425 -15.55 16.73 3.85
C ASP A 425 -15.48 15.80 5.05
N PRO A 426 -16.18 14.65 5.02
CA PRO A 426 -16.16 13.71 6.13
C PRO A 426 -14.79 13.05 6.35
N TYR A 427 -13.91 13.04 5.34
CA TYR A 427 -12.53 12.47 5.50
C TYR A 427 -11.78 13.44 6.40
N ASP A 428 -11.78 14.73 6.03
CA ASP A 428 -11.14 15.83 6.81
C ASP A 428 -11.55 15.80 8.30
N ALA A 429 -12.83 15.62 8.61
CA ALA A 429 -13.36 15.76 10.00
C ALA A 429 -13.08 14.47 10.77
N PHE A 430 -12.82 13.37 10.06
CA PHE A 430 -12.71 12.02 10.66
C PHE A 430 -11.61 11.96 11.74
N PHE A 431 -10.53 12.72 11.62
CA PHE A 431 -9.32 12.47 12.44
C PHE A 431 -9.26 13.43 13.61
N CYS A 432 -10.18 14.38 13.63
CA CYS A 432 -10.08 15.63 14.41
C CYS A 432 -10.86 15.48 15.71
N PRO A 433 -10.21 15.65 16.89
CA PRO A 433 -10.96 15.71 18.14
C PRO A 433 -11.64 17.07 18.17
N PRO A 434 -12.84 17.24 18.78
CA PRO A 434 -13.39 18.58 19.00
C PRO A 434 -12.33 19.56 19.55
N ASN A 435 -12.20 20.75 18.94
CA ASN A 435 -11.53 21.94 19.52
C ASN A 435 -12.66 22.85 20.05
N GLY A 436 -12.31 24.00 20.64
CA GLY A 436 -13.30 24.97 21.18
C GLY A 436 -13.76 25.95 20.11
N GLY A 437 -13.56 25.62 18.82
CA GLY A 437 -13.78 26.48 17.63
C GLY A 437 -14.82 25.89 16.67
N ALA A 438 -15.16 26.58 15.58
CA ALA A 438 -16.34 26.26 14.73
C ALA A 438 -16.07 25.08 13.78
N ASN A 439 -14.81 24.86 13.37
CA ASN A 439 -14.43 23.76 12.44
C ASN A 439 -13.26 23.02 13.09
N ALA A 440 -13.44 21.72 13.37
CA ALA A 440 -12.45 20.88 14.11
C ALA A 440 -11.13 20.73 13.32
N ALA A 441 -11.15 20.82 11.99
CA ALA A 441 -9.98 20.64 11.12
C ALA A 441 -9.15 21.93 11.04
N LEU A 442 -9.68 23.04 11.55
CA LEU A 442 -8.97 24.36 11.45
C LEU A 442 -8.67 24.86 12.86
N THR A 443 -7.38 24.84 13.25
CA THR A 443 -6.96 25.30 14.60
C THR A 443 -5.93 26.44 14.43
N ALA A 444 -6.18 27.59 15.08
CA ALA A 444 -5.26 28.75 15.00
C ALA A 444 -3.87 28.35 15.52
N ILE A 445 -2.85 28.65 14.71
CA ILE A 445 -1.41 28.36 15.03
C ILE A 445 -0.87 29.60 15.73
N GLU A 446 -0.77 29.56 17.05
CA GLU A 446 -0.39 30.79 17.77
C GLU A 446 0.24 30.48 19.14
N ASN A 447 0.25 29.22 19.57
CA ASN A 447 0.83 28.92 20.90
C ASN A 447 2.24 28.38 20.74
N GLY A 448 3.20 29.24 21.06
CA GLY A 448 4.64 28.96 20.91
C GLY A 448 5.25 27.90 21.81
N PRO A 449 6.51 27.33 21.26
CA PRO A 449 7.25 27.48 20.00
C PRO A 449 6.60 26.92 18.74
N PHE A 450 7.08 27.38 17.61
CA PHE A 450 6.55 27.11 16.26
C PHE A 450 7.55 26.19 15.58
N TYR A 451 7.02 25.22 14.83
CA TYR A 451 7.82 24.17 14.17
C TYR A 451 7.53 24.17 12.68
N ALA A 452 8.53 23.72 11.94
CA ALA A 452 8.49 23.49 10.48
C ALA A 452 9.08 22.10 10.25
N ALA A 453 8.27 21.18 9.73
CA ALA A 453 8.76 19.82 9.45
C ALA A 453 8.85 19.66 7.94
N ARG A 454 9.85 18.95 7.45
CA ARG A 454 10.00 18.76 6.00
C ARG A 454 9.10 17.60 5.55
N ILE A 455 8.30 17.84 4.52
CA ILE A 455 7.37 16.81 3.97
C ILE A 455 7.83 16.45 2.57
N VAL A 456 7.92 15.16 2.26
CA VAL A 456 8.36 14.69 0.91
C VAL A 456 7.26 13.84 0.28
N LEU A 457 7.46 13.40 -0.96
CA LEU A 457 6.47 12.57 -1.69
C LEU A 457 6.77 11.08 -1.47
N SER A 458 6.24 10.53 -0.40
CA SER A 458 6.43 9.10 -0.04
C SER A 458 5.46 8.26 -0.89
N ASP A 459 5.40 6.98 -0.61
CA ASP A 459 4.43 6.09 -1.27
C ASP A 459 4.21 4.86 -0.38
N LEU A 460 3.12 4.16 -0.65
CA LEU A 460 2.76 2.91 0.02
C LEU A 460 2.91 1.76 -0.97
N GLY A 461 3.91 1.85 -1.86
CA GLY A 461 4.10 0.94 -3.01
C GLY A 461 3.75 1.64 -4.31
N THR A 462 4.33 1.21 -5.43
CA THR A 462 3.94 1.65 -6.80
C THR A 462 2.72 0.82 -7.18
N LYS A 463 2.06 1.13 -8.28
CA LYS A 463 0.75 0.49 -8.62
C LYS A 463 0.70 0.13 -10.09
N GLY A 464 1.77 0.45 -10.79
CA GLY A 464 2.08 0.00 -12.16
C GLY A 464 2.77 -1.33 -12.15
N GLY A 465 2.52 -2.11 -13.20
CA GLY A 465 3.24 -3.34 -13.53
C GLY A 465 2.59 -4.09 -14.69
N LEU A 466 2.53 -5.41 -14.58
CA LEU A 466 2.17 -6.28 -15.71
C LEU A 466 0.69 -6.09 -16.01
N VAL A 467 0.32 -6.10 -17.29
CA VAL A 467 -1.09 -6.08 -17.73
C VAL A 467 -1.68 -7.47 -17.48
N THR A 468 -2.84 -7.48 -16.81
CA THR A 468 -3.62 -8.69 -16.46
C THR A 468 -5.05 -8.50 -16.95
N ASP A 469 -5.74 -9.62 -17.16
CA ASP A 469 -7.18 -9.69 -17.52
C ASP A 469 -7.98 -9.95 -16.23
N VAL A 470 -9.28 -10.22 -16.33
CA VAL A 470 -10.16 -10.36 -15.13
C VAL A 470 -9.73 -11.58 -14.29
N ASN A 471 -8.90 -12.47 -14.83
CA ASN A 471 -8.52 -13.71 -14.08
C ASN A 471 -7.07 -13.62 -13.61
N GLY A 472 -6.45 -12.43 -13.67
CA GLY A 472 -5.06 -12.24 -13.20
C GLY A 472 -4.04 -12.80 -14.18
N ARG A 473 -4.46 -13.19 -15.37
CA ARG A 473 -3.54 -13.74 -16.41
C ARG A 473 -2.69 -12.61 -16.95
N VAL A 474 -1.38 -12.82 -17.02
CA VAL A 474 -0.42 -11.84 -17.61
C VAL A 474 -0.59 -11.80 -19.13
N LEU A 475 -0.72 -10.61 -19.71
CA LEU A 475 -1.00 -10.44 -21.16
C LEU A 475 0.24 -9.84 -21.84
N ARG A 476 0.47 -10.22 -23.10
CA ARG A 476 1.48 -9.57 -23.96
C ARG A 476 0.86 -8.29 -24.53
N ALA A 477 1.69 -7.44 -25.13
CA ALA A 477 1.27 -6.21 -25.84
C ALA A 477 0.09 -6.48 -26.80
N ASP A 478 -0.11 -7.71 -27.30
CA ASP A 478 -1.15 -8.03 -28.33
C ASP A 478 -2.48 -8.46 -27.66
N GLY A 479 -2.55 -8.55 -26.33
CA GLY A 479 -3.77 -8.97 -25.62
C GLY A 479 -3.86 -10.47 -25.34
N SER A 480 -2.96 -11.29 -25.91
CA SER A 480 -2.96 -12.77 -25.69
C SER A 480 -2.37 -13.05 -24.31
N ALA A 481 -2.85 -14.11 -23.66
CA ALA A 481 -2.38 -14.55 -22.33
C ALA A 481 -1.08 -15.32 -22.47
N ILE A 482 -0.14 -15.09 -21.57
CA ILE A 482 1.01 -15.99 -21.33
C ILE A 482 0.50 -17.11 -20.40
N ASP A 483 0.31 -18.28 -20.97
CA ASP A 483 -0.11 -19.52 -20.30
C ASP A 483 0.72 -19.79 -19.04
N GLY A 484 0.08 -20.13 -17.92
CA GLY A 484 0.74 -20.47 -16.64
C GLY A 484 1.16 -19.26 -15.83
N LEU A 485 0.99 -18.02 -16.30
CA LEU A 485 1.53 -16.85 -15.56
C LEU A 485 0.38 -15.92 -15.15
N TYR A 486 0.28 -15.69 -13.84
CA TYR A 486 -0.66 -14.76 -13.18
C TYR A 486 0.12 -13.73 -12.38
N ALA A 487 -0.45 -12.55 -12.22
CA ALA A 487 0.09 -11.54 -11.29
C ALA A 487 -1.05 -10.83 -10.56
N ALA A 488 -0.76 -10.36 -9.33
CA ALA A 488 -1.72 -9.61 -8.50
C ALA A 488 -0.95 -8.69 -7.54
N GLY A 489 -1.72 -7.90 -6.81
CA GLY A 489 -1.19 -6.75 -6.06
C GLY A 489 -0.40 -5.85 -6.99
N ASN A 490 0.71 -5.33 -6.49
CA ASN A 490 1.43 -4.21 -7.14
C ASN A 490 2.40 -4.79 -8.17
N THR A 491 2.39 -6.11 -8.39
CA THR A 491 3.09 -6.76 -9.53
C THR A 491 2.29 -6.47 -10.80
N SER A 492 0.99 -6.25 -10.67
CA SER A 492 0.04 -6.00 -11.78
C SER A 492 -0.42 -4.54 -11.77
N ALA A 493 -0.60 -3.97 -12.97
CA ALA A 493 -1.13 -2.60 -13.20
C ALA A 493 -2.52 -2.50 -12.57
N SER A 494 -2.69 -1.64 -11.56
CA SER A 494 -3.97 -1.44 -10.85
C SER A 494 -5.08 -1.04 -11.83
N LEU A 495 -6.26 -1.65 -11.67
CA LEU A 495 -7.50 -1.19 -12.31
C LEU A 495 -7.84 0.25 -11.88
N SER A 496 -7.28 0.79 -10.80
CA SER A 496 -7.64 2.11 -10.25
C SER A 496 -6.93 3.27 -10.98
N GLY A 497 -6.04 3.02 -11.94
CA GLY A 497 -5.44 4.14 -12.67
C GLY A 497 -4.82 5.19 -11.73
N ARG A 498 -5.16 6.46 -11.91
CA ARG A 498 -4.54 7.59 -11.13
C ARG A 498 -5.39 7.86 -9.88
N PHE A 499 -6.21 6.88 -9.46
CA PHE A 499 -7.17 7.03 -8.32
C PHE A 499 -6.89 6.05 -7.17
N TYR A 500 -7.05 6.55 -5.94
CA TYR A 500 -7.10 5.78 -4.69
C TYR A 500 -8.51 5.95 -4.13
N PRO A 501 -9.48 5.13 -4.59
CA PRO A 501 -10.89 5.38 -4.30
C PRO A 501 -11.28 5.43 -2.82
N GLY A 502 -10.71 4.53 -2.01
CA GLY A 502 -11.04 4.44 -0.58
C GLY A 502 -10.10 3.53 0.18
N PRO A 503 -10.26 3.41 1.52
CA PRO A 503 -9.32 2.63 2.32
C PRO A 503 -9.44 1.16 1.88
N GLY A 504 -8.32 0.50 1.65
CA GLY A 504 -8.32 -0.96 1.46
C GLY A 504 -8.40 -1.37 0.00
N VAL A 505 -8.28 -0.44 -0.95
CA VAL A 505 -8.34 -0.81 -2.39
C VAL A 505 -7.09 -1.58 -2.79
N PRO A 506 -5.86 -1.21 -2.38
CA PRO A 506 -4.68 -2.01 -2.70
C PRO A 506 -4.85 -3.47 -2.23
N LEU A 507 -5.20 -3.70 -0.97
CA LEU A 507 -5.33 -5.09 -0.45
C LEU A 507 -6.54 -5.77 -1.09
N GLY A 508 -7.65 -5.03 -1.29
CA GLY A 508 -8.91 -5.60 -1.78
C GLY A 508 -8.75 -6.14 -3.19
N THR A 509 -8.19 -5.32 -4.06
CA THR A 509 -7.88 -5.71 -5.46
C THR A 509 -6.91 -6.91 -5.45
N ALA A 510 -5.82 -6.81 -4.69
CA ALA A 510 -4.83 -7.90 -4.59
C ALA A 510 -5.56 -9.22 -4.23
N MET A 511 -6.46 -9.17 -3.24
CA MET A 511 -7.04 -10.41 -2.69
C MET A 511 -8.03 -10.97 -3.73
N VAL A 512 -8.79 -10.13 -4.40
CA VAL A 512 -9.78 -10.61 -5.40
C VAL A 512 -9.04 -11.23 -6.60
N PHE A 513 -8.03 -10.59 -7.19
CA PHE A 513 -7.41 -11.11 -8.43
C PHE A 513 -6.48 -12.30 -8.12
N SER A 514 -5.95 -12.41 -6.90
CA SER A 514 -5.21 -13.61 -6.42
C SER A 514 -6.17 -14.79 -6.31
N TYR A 515 -7.35 -14.59 -5.73
CA TYR A 515 -8.45 -15.58 -5.65
C TYR A 515 -8.83 -16.01 -7.07
N ARG A 516 -9.06 -15.06 -7.97
CA ARG A 516 -9.53 -15.36 -9.34
C ARG A 516 -8.44 -16.12 -10.10
N ALA A 517 -7.15 -15.76 -9.95
CA ALA A 517 -6.03 -16.49 -10.58
C ALA A 517 -6.03 -17.95 -10.10
N ALA A 518 -6.10 -18.21 -8.79
CA ALA A 518 -6.20 -19.56 -8.22
C ALA A 518 -7.38 -20.33 -8.86
N GLN A 519 -8.55 -19.69 -8.98
CA GLN A 519 -9.77 -20.34 -9.51
C GLN A 519 -9.51 -20.71 -10.96
N ASP A 520 -8.77 -19.86 -11.71
CA ASP A 520 -8.54 -20.09 -13.16
C ASP A 520 -7.62 -21.32 -13.31
N MET A 521 -6.63 -21.44 -12.41
CA MET A 521 -5.64 -22.53 -12.34
C MET A 521 -6.31 -23.87 -11.97
N ALA A 522 -7.37 -23.87 -11.13
CA ALA A 522 -8.18 -25.06 -10.78
C ALA A 522 -8.95 -25.60 -11.99
N LYS A 523 -9.35 -24.73 -12.95
CA LYS A 523 -9.93 -25.14 -14.27
C LYS A 523 -11.24 -25.89 -14.03
PA FAD B . 3.67 -6.76 -0.36
O1A FAD B . 2.55 -6.82 0.62
O2A FAD B . 4.84 -5.86 -0.05
O5B FAD B . 4.17 -8.25 -0.66
C5B FAD B . 5.32 -8.47 -1.51
C4B FAD B . 6.20 -9.57 -0.94
O4B FAD B . 6.92 -10.20 -2.04
C3B FAD B . 7.24 -9.09 0.06
O3B FAD B . 7.30 -9.85 1.25
C2B FAD B . 8.55 -9.21 -0.72
O2B FAD B . 9.65 -9.43 0.13
C1B FAD B . 8.26 -10.40 -1.62
N9A FAD B . 9.13 -10.51 -2.76
C8A FAD B . 9.63 -9.46 -3.52
N7A FAD B . 10.41 -9.87 -4.49
C5A FAD B . 10.39 -11.27 -4.38
C6A FAD B . 11.04 -12.26 -5.12
N6A FAD B . 11.86 -11.98 -6.13
N1A FAD B . 10.81 -13.54 -4.75
C2A FAD B . 10.01 -13.78 -3.70
N3A FAD B . 9.38 -12.93 -2.91
C4A FAD B . 9.61 -11.67 -3.32
N1 FAD B . -3.50 -0.85 1.84
C2 FAD B . -4.74 -1.31 2.09
O2 FAD B . -5.43 -1.80 1.19
N3 FAD B . -5.30 -1.22 3.32
C4 FAD B . -4.70 -0.57 4.36
O4 FAD B . -5.26 -0.57 5.46
C4X FAD B . -3.34 -0.13 4.15
N5 FAD B . -2.70 0.45 5.12
C5X FAD B . -1.37 0.75 4.92
C6 FAD B . -0.64 1.26 5.99
C7 FAD B . 0.72 1.46 5.91
C7M FAD B . 1.46 2.00 7.12
C8 FAD B . 1.38 1.18 4.69
C8M FAD B . 2.85 1.46 4.53
C9 FAD B . 0.64 0.81 3.58
C9A FAD B . -0.73 0.53 3.68
N10 FAD B . -1.49 0.05 2.62
C10 FAD B . -2.82 -0.32 2.82
C1' FAD B . -0.86 -0.22 1.31
C2' FAD B . -0.57 -1.67 1.12
O2' FAD B . 0.13 -2.16 2.29
C3' FAD B . 0.29 -2.04 -0.11
O3' FAD B . 0.15 -1.22 -1.25
C4' FAD B . -0.08 -3.45 -0.50
O4' FAD B . -0.07 -4.25 0.69
C5' FAD B . 0.88 -4.02 -1.50
O5' FAD B . 0.80 -5.45 -1.42
P FAD B . 1.65 -6.32 -2.47
O1P FAD B . 1.09 -7.68 -2.41
O2P FAD B . 1.70 -5.58 -3.77
O3P FAD B . 3.10 -6.30 -1.78
C1 ANB C . -3.92 3.24 5.00
C10 ANB C . -4.99 3.49 6.02
C11 ANB C . -3.19 3.57 7.89
C12 ANB C . -2.76 3.13 9.29
C13 ANB C . -3.88 3.34 10.29
C14 ANB C . -5.10 2.54 9.84
C15 ANB C . -6.01 2.49 11.07
C16 ANB C . -5.02 2.42 12.25
C17 ANB C . -3.65 2.75 11.67
C18 ANB C . -4.19 4.83 10.52
C19 ANB C . -5.27 5.01 5.98
C2 ANB C . -4.15 2.76 3.78
C3 ANB C . -5.43 2.19 3.42
C4 ANB C . -6.43 2.14 4.47
C5 ANB C . -6.26 2.74 5.66
C6 ANB C . -7.34 2.70 6.71
C7 ANB C . -6.83 2.20 8.04
C8 ANB C . -5.63 3.03 8.49
C9 ANB C . -4.51 2.96 7.43
O1 ANB C . -5.66 1.79 2.26
O2 ANB C . -2.57 2.56 12.20
#